data_5ZZM
#
_entry.id   5ZZM
#
loop_
_entity.id
_entity.type
_entity.pdbx_description
1 polymer 'GTPase HflX'
2 polymer '5S rRNA'
3 polymer '23S rRNA'
#
loop_
_entity_poly.entity_id
_entity_poly.type
_entity_poly.pdbx_seq_one_letter_code
_entity_poly.pdbx_strand_id
1 'polypeptide(L)'
;MFDRYDAGEQAVLVHIYFTQDKDMEDLQEFESLVSSAGVEALQVITGSRKAPHPKYFVGEGKAVEIAEAVKATGASVVLF
DHALSPAQERNLERLCECRVIDRTGLILDIFAQRARTHEGKLQVELAQLRHLATRLVRGWTHLERQKGGIGLRGPGETQL
ETDRRLLRNRIVQIQSRLERVEKQREQGRQSRIKADVPTVSLVGYTNAGKSTLFNRITEARVYAADQLFATLDPTLRRID
VADVGETVLADTVGFIRHLPHDLVAAFKATLQETRQATLLLHVIDAADVRVQENIEAVNTVLEEIDAHEIPTLLVMNKID
MLEDFEPRIDRDEENKPNRVWLSAQTGAGIPQLFQALTERLSGEVAQHTLRLPPQEGRLRSRFYQLQAIEKEWMEEDGSV
SLQVRMPIVDWRRLCKQEPALIDYLI
;
A
2 'polyribonucleotide'
;UGCCUGGCGGCCGUAGCGCGGUGGUCCCACCUGACCCCAUGCCGAACUCAGAAGUGAAACGCCGUAGCGCCGAUGGUAGU
GUGGGGUCUCCCCAUGCGAGAGUAGGGAACUGCCAGGCAU
;
M
3 'polyribonucleotide'
;GGUUAAGCGACUAAGCGUACACGGUGGAUGCCCUGGCAGUCAGAGGCGAUGAAGGACGUGCUAAUCUGCGAUAAGCGUCG
GUAAGGUGAUAUGAACCGUUAUAACCGGCGAUUUCCGAAUGGGGAAACCCAGUGUGUUUCGACACACUAUCAUUAACUGA
AUCCAUAGGUUAAUGAGGCGAACCGGGGGAACUGAAACAUCUAAGUACCCCGAGGAAAAGAAAUCAACCGAGAUUCCCCC
AGUAGCGGCGAGCGAACGGGGAGCAGCCCAGAGCCUGAAUCAGUGUGUGUGUUAGUGGAAGCGUCUGGAAAGGCGCGCGA
UACAGGGUGACAGCCCCGUACACAAAAAUGCACAUGCUGUGAGCUCGAUGAGUAGGGCGGGACACGUGGUAUCCUGUCUG
AAUAUGGGGGGACCAUCCUCCAAGGCUAAAUACUCCUGACUGACCGAUAGUGAACCAGUACCGUGAGGGAAAGGCGAAAA
GAACCCCGGCGAGGGGAGUGAAAAAGAACCUGAAACCGUGUACGUACAAGCAGUGGGAGCACGCUUAGGCGUGUGACUGC
GUACCUUUUGUAUAAUGGGUCAGCGACUUAUAUUCUGUAGCAAGGUUAACCGAAUAGGGGAGCCGAAGGGAAACCGAGUC
UUAACUGGGCGUUAAGUUGCAGGGUAUAGACCCGAAACCCGGUGAUCUAGCCAUGGGCAGGUUGAAGGUUGGGUAACACU
AACUGGAGGACCGAACCGACUAAUGUUGAAAAAUUAGCGGAUGACUUGUGGCUGGGGGUGAAAGGCCAAUCAAACCGGGA
GAUAGCUGGUUCUCCCCGAAAGCUAUUUAGGUAGCGCCUCGUGAAUUCAUCUCCGGGGGUAGAGCACUGUUUCGGCAAGG
GGGUCAUCCCGACUUACCAACCCGAUGCAAACUGCGAAUACCGGAGAAUGUUAUCACGGGAGACACACGGCGGGUGCUAA
CGUCCGUCGUGAAGAGGGAAACAACCCAGACCGCCAGCUAAGGUCCCAAAGUCAUGGUUAAGUGGGAAACGAUGUGGGAA
GGCCCAGACAGCCAGGAUGUUGGCUUAGAAGCAGCCAUCAUUUAAAGAAAGCGUAAUAGCUCACUGGUCGAGUCGGCCUG
CGCGGAAGAUGUAACGGGGCUAAACCAUGCACCGAAGCUGCGGCAGCGACGCUUAUGCGUUGUUGGGUAGGGGAGCGUUC
UGUAAGCCUGCGAAGGUGUGCUGUGAGGCAUGCUGGAGGUAUCAGAAGUGCGAAUGCUGACAUAAGUAACGAUAAAGCGG
GUGAAAAGCCCGCUCGCCGGAAGACCAAGGGUUCCUGUCCAACGUUAAUCGGGGCAGGGUGAGUCGACCCCUAAGGCGAG
GCCGAAAGGCGUAGUCGAUGGGAAACAGGUUAAUAUUCCUGUACUUGGUGUUACUGCGAAGGGGGGACGGAGAAGGCUAU
GUUGGCCGGGCGACGGUUGUCCCGGUUUAAGCGUGUAGGCUGGUUUUCCAGGCAAAUCCGGAAAAUCAAGGCUGAGGCGU
GAUGACGAGGCACUACGGUGCUGAAGCAACAAAUGCCCUGCUUCCAGGAAAAGCCUCUAAGCAUCAGGUAACAUCAAAUC
GUACCCCAAACCGACACAGGUGGUCAGGUAGAGAAUACCAAGGCGCUUGAGAGAACUCGGGUGAAGGAACUAGGCAAAAU
GGUGCCGUAACUUCGGGAGAAGGCACGCUGAUAUGUAGGUGAGGUCCCUCGCGGAUGGAGCUGAAAUCAGUCGAAGAUAC
CAGCUGGCUGCAACUGUUUAUUAAAAACACAGCACUGUGCAAACACGAAAGUGGACGUAUACGGUGUGACGCCUGCCCGG
UGCCGGAAGGUUAAUUGAUGGGGUUAGCGCAAGCGAAGCUCUUGAUCGAAGCCCCGGUAAACGGCGGCCGUAACUAUAAC
GGUCCUAAGGUAGCGAAAUUCCUUGUCGGGUAAGUUCCGACCUGCACGAAUGGCGUAAUGAUGGCCAGGCUGUCUCCACC
CGAGACUCAGUGAAAUUGAACUCGCUGUGAAGAUGCAGUGUACCCGCGGCAAGACGGAAAGACCCCGUGAACCUUUACUA
UAGCUUGACACUGAACAUUGAGCCUUGAUGUGUAGGAUAGGUGGGAGGCUUUGAAGUGUGGACGCCAGUCUGCAUGGAGC
CGACCUUGAAAUACCACCCUUUAAUGUUUGAUGUUCUAACGUUGACCCGUAAUCCGGGUUGCGGACAGUGUCUGGUGGGU
AGUUUGACUGGGGCGGUCUCCUCCUAAAGAGUAACGGAGGAGCACGAAGGUUGGCUAAUCCUGGUCGGACAUCAGGAGGU
UAGUGCAAUGGCAUAAGCCAGCUUGACUGCGAGCGUGACGGCGCGAGCAGGUGCGAAAGCAGGUCAUAGUGAUCCGGUGG
UUCUGAAUGGAAGGGCCAUCGCUCAACGGAUAAAAGGUACUCCGGGGAUAACAGGCUGAUACCGCCCAAGAGUUCAUAUC
GACGGCGGUGUUUGGCACCUCGAUGUCGGCUCAUCACAUCCUGGGGCUGAAGUAGGUCCCAAGGGUAUGGCUGUUCGCCA
UUUAAAGUGGUACGCGAGCUGGGUUUAGAACGUCGUGAGACAGUUCGGUCCCUAUCUGCCGUGGGCGCUGGAGAACUGAG
GGGGGCUGCUCCUAGUACGAGAGGACCGGAGUGGACGCAUCACUGGUGUUCGGGUUGUCAUGCCAAUGGCACUGCCCGGU
AGCUAAAUGCGGAAGAGAUAAGUGCUGAAAGCAUCUAAGCACGAAACUUGCCCCGAGAUGAGUUCUCCCUGACCCUUUAA
GGGUCCUGAAGGAACGUUGAAGACGACGACGUUGAUAGGCCGGGUGUGUAAGCGCAGCGAUGCGUUGAGCUAACCGGUAC
UAAUGAACCGUGAGGCUUAACCU
;
N
#
# COMPACT_ATOMS: atom_id res chain seq x y z
CA MET A 1 -1.20 -21.45 -27.10
CA PHE A 2 -1.91 -21.17 -23.40
CA ASP A 3 1.01 -20.75 -21.04
CA ARG A 4 1.63 -18.99 -17.65
CA TYR A 5 4.24 -17.65 -15.28
CA ASP A 6 7.13 -19.41 -13.26
CA ALA A 7 8.79 -18.29 -10.03
CA GLY A 8 12.10 -18.80 -8.33
CA GLU A 9 14.40 -18.65 -11.29
CA GLN A 10 17.75 -16.71 -11.89
CA ALA A 11 18.28 -13.09 -13.01
CA VAL A 12 21.46 -11.21 -13.39
CA LEU A 13 21.94 -7.34 -12.76
CA VAL A 14 24.84 -5.60 -14.30
CA HIS A 15 24.76 -1.90 -15.31
CA ILE A 16 26.53 1.36 -15.43
CA TYR A 17 25.08 4.76 -15.02
CA PHE A 18 27.42 6.39 -17.50
CA THR A 19 24.74 5.85 -20.28
CA GLN A 20 21.43 5.85 -18.23
CA ASP A 21 19.23 3.00 -17.11
CA LYS A 22 16.14 2.38 -15.05
CA ASP A 23 17.65 2.39 -11.56
CA MET A 24 16.87 2.77 -7.88
CA GLU A 25 18.74 0.93 -5.09
CA ASP A 26 22.43 1.99 -5.57
CA LEU A 27 24.39 -1.06 -4.64
CA GLN A 28 23.87 -3.41 -1.56
CA GLU A 29 20.15 -2.91 -1.08
CA PHE A 30 19.31 -3.64 -4.70
CA GLU A 31 20.39 -7.26 -4.17
CA SER A 32 18.48 -7.57 -0.83
CA LEU A 33 15.10 -6.77 -2.51
CA VAL A 34 15.68 -9.38 -5.25
CA SER A 35 16.93 -11.77 -2.52
CA SER A 36 13.78 -12.15 -0.51
CA ALA A 37 11.80 -13.18 -3.58
CA GLY A 38 14.17 -16.17 -3.96
CA VAL A 39 15.53 -14.87 -7.25
CA GLU A 40 19.26 -14.67 -8.04
CA ALA A 41 20.84 -11.26 -8.00
CA LEU A 42 24.00 -9.56 -8.87
CA GLN A 43 25.28 -6.00 -8.51
CA VAL A 44 26.15 -3.14 -10.82
CA ILE A 45 29.78 -2.46 -11.16
CA THR A 46 31.20 0.93 -12.42
CA GLY A 47 33.77 1.10 -15.16
CA SER A 48 35.67 3.79 -17.21
CA ARG A 49 34.52 6.34 -19.79
CA LYS A 50 31.65 6.84 -22.32
CA ALA A 51 29.91 9.56 -24.29
CA PRO A 52 26.30 8.13 -24.35
CA HIS A 53 25.61 6.06 -27.52
CA PRO A 54 23.31 3.51 -25.85
CA LYS A 55 22.60 1.27 -28.92
CA TYR A 56 21.80 -1.75 -26.86
CA PHE A 57 22.24 0.24 -23.60
CA VAL A 58 25.95 0.55 -23.37
CA GLY A 59 29.16 0.89 -25.52
CA GLU A 60 30.58 -1.76 -27.89
CA GLY A 61 32.78 -3.90 -25.59
CA LYS A 62 30.38 -3.90 -22.64
CA ALA A 63 27.19 -4.61 -24.66
CA VAL A 64 28.73 -7.86 -25.95
CA GLU A 65 29.94 -8.55 -22.45
CA ILE A 66 26.33 -8.58 -20.89
CA ALA A 67 25.00 -10.71 -23.83
CA GLU A 68 27.37 -13.63 -23.23
CA ALA A 69 26.56 -13.87 -19.57
CA VAL A 70 22.78 -14.23 -20.34
CA LYS A 71 23.61 -16.88 -23.10
CA ALA A 72 25.84 -18.70 -20.61
CA THR A 73 23.79 -19.34 -17.52
CA GLY A 74 20.82 -21.16 -19.22
CA ALA A 75 18.28 -18.59 -17.93
CA SER A 76 16.00 -16.61 -20.19
CA VAL A 77 14.73 -14.27 -17.47
CA VAL A 78 16.86 -11.41 -16.56
CA LEU A 79 16.57 -8.06 -14.70
CA PHE A 80 17.68 -5.79 -17.51
CA ASP A 81 15.83 -2.61 -16.44
CA HIS A 82 15.91 0.18 -19.02
CA ALA A 83 13.06 2.65 -19.50
CA LEU A 84 11.30 2.38 -22.83
CA SER A 85 10.46 5.70 -24.39
CA PRO A 86 9.88 6.29 -28.09
CA ALA A 87 13.46 6.83 -29.34
CA GLN A 88 14.67 4.41 -26.71
CA GLU A 89 12.22 1.44 -27.31
CA ARG A 90 13.92 0.82 -30.78
CA ASN A 91 17.33 0.13 -29.27
CA LEU A 92 16.29 -2.54 -26.58
CA GLU A 93 14.66 -4.98 -28.96
CA ARG A 94 17.59 -5.27 -31.38
CA LEU A 95 18.79 -8.08 -29.18
CA CYS A 96 15.85 -10.37 -29.83
CA GLU A 97 15.32 -12.90 -26.87
CA CYS A 98 12.20 -13.52 -24.73
CA ARG A 99 10.94 -13.18 -21.11
CA VAL A 100 12.91 -10.03 -20.15
CA ILE A 101 11.50 -8.50 -16.95
CA ASP A 102 12.11 -5.12 -15.27
CA ARG A 103 12.43 -4.62 -11.53
CA THR A 104 8.78 -3.26 -11.40
CA GLY A 105 7.28 -6.25 -13.09
CA LEU A 106 8.96 -8.54 -10.43
CA ILE A 107 7.31 -6.85 -7.39
CA LEU A 108 4.01 -6.50 -9.31
CA ASP A 109 4.08 -10.28 -10.26
CA ILE A 110 4.83 -11.22 -6.52
CA PHE A 111 1.96 -8.98 -5.54
CA ALA A 112 -0.44 -10.65 -7.98
CA GLN A 113 0.71 -14.10 -6.76
CA ARG A 114 0.29 -12.96 -3.14
CA ALA A 115 -3.16 -11.29 -3.40
CA ARG A 116 -5.88 -12.25 -0.78
CA THR A 117 -9.61 -11.08 -1.25
CA HIS A 118 -11.28 -10.76 -4.72
CA GLU A 119 -11.09 -6.87 -4.93
CA GLY A 120 -7.36 -7.00 -4.33
CA LYS A 121 -6.87 -9.74 -7.00
CA LEU A 122 -8.57 -7.49 -9.51
CA GLN A 123 -6.83 -4.07 -8.87
CA VAL A 124 -3.30 -5.63 -8.75
CA GLU A 125 -3.26 -7.42 -12.14
CA LEU A 126 -4.77 -4.19 -13.81
CA ALA A 127 -1.82 -2.14 -12.54
CA GLN A 128 0.90 -4.63 -13.52
CA LEU A 129 -0.35 -4.63 -17.19
CA ARG A 130 -1.04 -0.85 -17.31
CA HIS A 131 2.61 0.10 -16.59
CA LEU A 132 4.00 -1.85 -19.59
CA ALA A 133 1.11 -0.41 -21.76
CA THR A 134 2.60 3.12 -22.24
CA ARG A 135 6.04 1.81 -23.00
CA LEU A 136 5.22 0.35 -26.45
CA VAL A 137 3.46 2.59 -28.89
CA ARG A 138 5.88 2.21 -31.97
CA GLY A 139 7.95 -0.97 -31.81
CA TRP A 140 6.16 -3.32 -34.25
CA THR A 141 7.92 -1.81 -37.10
CA HIS A 142 11.43 -2.83 -36.25
CA LEU A 143 10.60 -6.05 -34.45
CA GLU A 144 8.81 -7.70 -37.37
CA ARG A 145 11.81 -7.43 -39.59
CA GLN A 146 13.92 -9.19 -37.03
CA LYS A 147 11.32 -11.75 -35.89
CA GLY A 148 13.12 -14.60 -37.62
CA GLY A 149 11.34 -17.95 -37.70
CA ILE A 150 8.17 -19.21 -36.03
CA GLY A 151 5.82 -17.24 -38.42
CA LEU A 152 4.41 -13.75 -38.57
CA ARG A 153 1.41 -13.87 -40.89
CA GLY A 154 -1.01 -16.72 -40.24
CA PRO A 155 -4.67 -17.78 -40.70
CA GLY A 156 -7.59 -15.43 -40.44
CA GLU A 157 -5.68 -12.35 -39.31
CA THR A 158 -4.08 -9.45 -41.19
CA GLN A 159 -0.95 -9.04 -38.81
CA LEU A 160 -0.81 -11.10 -35.50
CA GLU A 161 -4.36 -10.03 -34.41
CA THR A 162 -5.27 -13.54 -33.12
CA ASP A 163 -2.29 -13.60 -30.73
CA ARG A 164 -2.88 -10.09 -29.66
CA ARG A 165 -6.54 -10.58 -28.73
CA LEU A 166 -5.53 -13.26 -26.15
CA LEU A 167 -3.22 -11.10 -23.86
CA ARG A 168 -5.72 -8.30 -24.23
CA ASN A 169 -8.43 -10.66 -23.11
CA ARG A 170 -7.00 -11.07 -19.69
CA ILE A 171 -6.61 -7.26 -19.10
CA VAL A 172 -10.00 -6.22 -20.48
CA GLN A 173 -11.93 -8.74 -18.52
CA ILE A 174 -10.46 -7.28 -15.29
CA GLN A 175 -11.29 -3.60 -16.05
CA SER A 176 -14.95 -4.44 -16.91
CA ARG A 177 -15.55 -6.19 -13.51
CA LEU A 178 -13.35 -3.36 -11.92
CA GLU A 179 -16.36 -0.96 -12.65
CA ARG A 180 -18.89 -2.85 -10.36
CA VAL A 181 -15.94 -3.35 -7.83
CA GLU A 182 -14.58 0.14 -7.72
CA LYS A 183 -18.03 1.52 -7.13
CA GLN A 184 -18.06 -0.16 -3.63
CA ARG A 185 -14.87 1.44 -2.42
CA GLU A 186 -16.33 4.89 -3.59
CA GLN A 187 -19.60 4.56 -1.60
CA GLY A 188 -18.74 4.59 2.11
CA ARG A 189 -17.79 8.17 2.66
CA GLN A 190 -20.56 9.42 0.23
CA SER A 191 -23.31 8.36 2.63
CA ARG A 192 -21.29 10.18 5.33
CA ILE A 193 -22.10 13.51 3.61
CA LYS A 194 -23.84 15.34 6.49
CA ALA A 195 -20.88 17.58 7.15
CA ASP A 196 -19.07 15.01 9.27
CA VAL A 197 -17.07 11.98 8.18
CA PRO A 198 -15.86 9.28 10.52
CA THR A 199 -14.13 7.03 8.00
CA VAL A 200 -10.56 5.52 8.02
CA SER A 201 -8.22 4.41 5.39
CA LEU A 202 -5.55 2.00 6.63
CA VAL A 203 -2.10 2.27 4.79
CA GLY A 204 1.00 0.54 5.74
CA TYR A 205 4.28 -0.28 3.76
CA THR A 206 5.17 -3.81 2.64
CA ASN A 207 5.23 -5.25 6.10
CA ALA A 208 5.39 -1.95 7.90
CA GLY A 209 4.65 -4.15 10.72
CA LYS A 210 1.25 -5.62 9.92
CA SER A 211 2.54 -9.15 9.86
CA THR A 212 3.50 -8.76 13.60
CA LEU A 213 0.87 -6.23 14.75
CA PHE A 214 -2.15 -6.88 12.68
CA ASN A 215 -1.81 -10.45 13.72
CA ARG A 216 -1.42 -10.09 17.47
CA ILE A 217 -3.71 -7.01 17.96
CA THR A 218 -6.66 -7.40 15.42
CA GLU A 219 -6.54 -11.22 15.15
CA ALA A 220 -6.27 -11.09 11.29
CA ARG A 221 -3.13 -12.99 10.50
CA VAL A 222 -1.00 -11.95 7.54
CA TYR A 223 2.33 -13.64 7.79
CA ALA A 224 4.87 -13.46 10.71
CA ALA A 225 8.01 -11.78 9.13
CA ASP A 226 10.07 -10.14 11.84
CA GLN A 227 11.13 -7.27 9.57
CA LEU A 228 9.87 -6.10 6.20
CA PHE A 229 8.82 -7.53 2.77
CA ALA A 230 5.40 -9.27 3.58
CA THR A 231 1.60 -8.45 3.85
CA LEU A 232 -0.80 -7.05 1.26
CA ASP A 233 -4.60 -6.29 0.46
CA PRO A 234 -7.54 -6.62 2.93
CA THR A 235 -7.49 -9.38 5.49
CA LEU A 236 -10.50 -8.92 7.57
CA ARG A 237 -10.46 -8.07 11.23
CA ARG A 238 -10.71 -4.77 13.02
CA ILE A 239 -10.00 -3.06 16.33
CA ASP A 240 -12.08 -0.42 18.06
CA VAL A 241 -12.07 3.34 18.15
CA ALA A 242 -13.00 4.39 21.63
CA ASP A 243 -15.15 7.51 21.38
CA VAL A 244 -16.18 7.04 17.65
CA GLY A 245 -17.28 3.41 18.40
CA GLU A 246 -15.12 1.21 16.21
CA THR A 247 -14.70 2.50 12.70
CA VAL A 248 -13.37 -0.66 11.29
CA LEU A 249 -10.05 -1.60 9.93
CA ALA A 250 -9.48 -4.02 7.13
CA ASP A 251 -5.80 -4.49 6.20
CA THR A 252 -4.45 -2.84 3.03
CA VAL A 253 -1.71 -3.20 0.43
CA GLY A 254 1.90 -2.52 1.19
CA PHE A 255 4.05 -0.55 -1.18
CA ILE A 256 7.80 0.32 -1.68
CA ARG A 257 9.46 3.61 -2.16
CA HIS A 258 8.26 5.52 -5.35
CA LEU A 259 5.92 3.07 -7.04
CA PRO A 260 5.46 4.67 -10.67
CA HIS A 261 2.59 6.90 -11.80
CA ASP A 262 -0.07 4.59 -13.42
CA LEU A 263 0.88 1.63 -11.21
CA VAL A 264 -0.64 3.04 -8.05
CA ALA A 265 -3.38 4.84 -9.98
CA ALA A 266 -4.99 1.51 -10.85
CA PHE A 267 -5.31 0.50 -7.15
CA LYS A 268 -8.99 1.69 -6.79
CA ALA A 269 -10.52 -1.50 -5.07
CA THR A 270 -8.52 -1.35 -1.83
CA LEU A 271 -7.61 2.31 -1.45
CA GLN A 272 -10.49 4.23 -3.21
CA GLU A 273 -11.76 4.54 0.34
CA THR A 274 -9.43 7.39 0.82
CA ARG A 275 -11.35 9.87 -1.31
CA GLN A 276 -12.95 11.59 1.66
CA ALA A 277 -11.42 9.83 4.68
CA THR A 278 -10.57 11.43 7.88
CA LEU A 279 -7.81 9.12 9.30
CA LEU A 280 -4.75 7.52 7.51
CA LEU A 281 -3.75 4.69 9.83
CA HIS A 282 -0.18 4.33 9.06
CA VAL A 283 1.82 1.29 10.23
CA ILE A 284 5.66 1.90 9.95
CA ASP A 285 9.00 0.13 9.97
CA ALA A 286 11.51 0.61 12.81
CA ALA A 287 13.23 -2.38 11.21
CA ASP A 288 16.23 -0.59 9.46
CA VAL A 289 16.47 3.02 8.31
CA ARG A 290 13.35 2.37 6.25
CA VAL A 291 11.91 5.14 8.45
CA GLN A 292 12.61 7.99 5.88
CA GLU A 293 12.19 5.77 2.92
CA ASN A 294 8.63 4.62 4.02
CA ILE A 295 7.73 8.28 4.13
CA GLU A 296 9.01 8.78 0.46
CA ALA A 297 6.88 5.67 -0.39
CA VAL A 298 3.81 6.88 1.40
CA ASN A 299 3.91 10.39 0.08
CA THR A 300 4.11 8.93 -3.54
CA VAL A 301 1.51 6.24 -3.10
CA LEU A 302 -1.22 8.19 -0.99
CA GLU A 303 -1.65 10.77 -3.59
CA GLU A 304 -1.90 8.28 -6.48
CA ILE A 305 -4.62 6.05 -4.97
CA ASP A 306 -6.97 8.96 -5.58
CA ALA A 307 -6.75 11.85 -3.06
CA HIS A 308 -5.21 13.20 0.07
CA GLU A 309 -7.12 15.27 2.59
CA ILE A 310 -6.30 13.28 5.63
CA PRO A 311 -4.37 13.09 8.99
CA THR A 312 -2.27 9.99 10.05
CA LEU A 313 -1.62 7.60 13.00
CA LEU A 314 1.94 6.18 13.21
CA VAL A 315 2.63 2.92 14.79
CA MET A 316 6.40 2.24 15.02
CA ASN A 317 6.35 -1.66 14.92
CA LYS A 318 9.17 -4.04 15.36
CA ILE A 319 10.98 -1.79 17.66
CA ASP A 320 11.05 -4.84 20.18
CA MET A 321 14.23 -6.12 18.54
CA LEU A 322 16.08 -4.46 21.44
CA GLU A 323 13.24 -2.42 22.97
CA ASP A 324 14.44 0.77 21.49
CA PHE A 325 11.38 2.82 22.50
CA GLU A 326 8.25 2.13 24.46
CA PRO A 327 5.15 4.25 24.22
CA ARG A 328 4.54 7.91 24.61
CA ILE A 329 1.43 9.87 23.50
CA ASP A 330 2.84 12.41 21.13
CA ARG A 331 2.44 13.66 17.59
CA ASP A 332 5.65 13.89 15.73
CA GLU A 333 4.74 13.58 11.94
CA GLU A 334 3.87 16.34 9.49
CA ASN A 335 0.40 14.82 8.91
CA LYS A 336 -0.34 14.57 12.67
CA PRO A 337 -0.07 10.87 13.84
CA ASN A 338 -0.38 9.94 17.59
CA ARG A 339 3.07 8.34 17.27
CA VAL A 340 3.31 5.09 19.19
CA TRP A 341 6.29 2.77 19.47
CA LEU A 342 4.35 -0.39 19.94
CA SER A 343 6.12 -3.82 20.65
CA ALA A 344 4.29 -5.36 17.78
CA GLN A 345 5.55 -8.90 17.97
CA THR A 346 3.70 -9.09 21.20
CA GLY A 347 1.16 -6.24 20.18
CA ALA A 348 -0.71 -5.15 23.28
CA GLY A 349 -1.23 -1.41 22.88
CA ILE A 350 -4.94 -2.05 22.27
CA PRO A 351 -6.89 0.26 24.73
CA GLN A 352 -4.72 3.33 24.03
CA LEU A 353 -4.64 2.36 20.39
CA PHE A 354 -8.49 2.70 20.06
CA GLN A 355 -8.65 6.21 21.70
CA ALA A 356 -5.79 7.76 19.53
CA LEU A 357 -7.92 6.97 16.36
CA THR A 358 -10.85 9.04 17.71
CA GLU A 359 -8.85 12.26 17.65
CA ARG A 360 -8.21 12.33 13.94
CA LEU A 361 -11.95 11.71 13.12
CA SER A 362 -15.18 13.86 13.41
CA GLY A 363 -15.98 17.44 14.74
CA GLU A 364 -17.90 20.57 16.06
CA VAL A 365 -17.77 21.39 19.67
CA ALA A 366 -19.39 23.82 22.08
CA GLN A 367 -19.49 21.66 25.10
CA HIS A 368 -21.86 20.24 27.78
CA THR A 369 -21.16 20.07 31.49
CA LEU A 370 -23.39 17.34 32.73
CA ARG A 371 -24.64 16.79 36.25
CA LEU A 372 -27.58 14.99 37.99
CA PRO A 373 -29.44 14.38 41.18
CA PRO A 374 -30.42 10.58 41.74
CA GLN A 375 -30.52 7.59 39.39
CA GLU A 376 -27.34 9.15 37.80
CA GLY A 377 -25.22 6.04 38.84
CA ARG A 378 -26.40 5.11 35.47
CA LEU A 379 -24.54 7.95 33.86
CA ARG A 380 -21.27 7.02 35.64
CA SER A 381 -21.85 3.56 34.15
CA ARG A 382 -22.74 5.04 30.61
CA PHE A 383 -19.68 7.20 30.40
CA TYR A 384 -17.48 4.42 31.50
CA GLN A 385 -19.36 1.90 29.28
CA LEU A 386 -19.60 3.92 26.06
CA GLN A 387 -17.71 7.10 25.88
CA ALA A 388 -15.40 8.41 28.59
CA ILE A 389 -15.23 10.94 31.21
CA GLU A 390 -12.30 13.36 31.06
CA LYS A 391 -12.86 14.39 34.80
CA GLU A 392 -14.42 11.64 36.84
CA TRP A 393 -15.65 12.33 40.31
CA MET A 394 -18.17 10.18 42.16
CA GLU A 395 -20.08 11.39 45.19
CA GLU A 396 -23.13 10.95 47.24
CA ASP A 397 -26.44 9.99 45.85
CA GLY A 398 -24.49 8.75 42.84
CA SER A 399 -23.90 12.28 41.52
CA VAL A 400 -21.40 12.81 38.79
CA SER A 401 -20.32 15.94 36.90
CA LEU A 402 -18.55 15.49 33.51
CA GLN A 403 -17.34 17.55 30.68
CA VAL A 404 -18.54 16.30 27.39
CA ARG A 405 -17.88 18.11 24.07
CA MET A 406 -18.91 16.23 20.98
CA PRO A 407 -20.61 16.74 17.66
CA ILE A 408 -24.10 18.07 17.37
CA VAL A 409 -25.18 14.62 15.87
CA ASP A 410 -23.65 13.05 19.08
CA TRP A 411 -25.37 15.07 21.86
CA ARG A 412 -28.83 13.90 21.03
CA ARG A 413 -28.62 10.32 19.84
CA LEU A 414 -27.59 9.03 23.17
CA CYS A 415 -30.28 10.90 25.05
CA LYS A 416 -32.95 9.67 22.57
CA GLN A 417 -31.98 5.94 23.01
CA GLU A 418 -31.76 6.15 26.78
CA PRO A 419 -34.92 6.68 28.91
CA ALA A 420 -33.49 10.26 29.17
CA LEU A 421 -32.79 12.02 32.36
CA ILE A 422 -29.32 13.65 31.66
CA ASP A 423 -30.62 17.08 30.63
CA TYR A 424 -27.33 18.80 30.70
CA LEU A 425 -26.37 16.93 27.57
CA ILE A 426 -29.15 18.51 25.57
#